data_6V71
#
_entry.id   6V71
#
_cell.length_a   77.362
_cell.length_b   77.362
_cell.length_c   241.321
_cell.angle_alpha   90.000
_cell.angle_beta   90.000
_cell.angle_gamma   120.000
#
_symmetry.space_group_name_H-M   'H 3 2'
#
loop_
_entity.id
_entity.type
_entity.pdbx_description
1 polymer Beta-lactamase
2 non-polymer 'ZINC ION'
3 non-polymer 1,2-ETHANEDIOL
4 non-polymer 'NITRATE ION'
5 non-polymer 'FORMIC ACID'
6 non-polymer 'PHOSPHATE ION'
7 water water
#
_entity_poly.entity_id   1
_entity_poly.type   'polypeptide(L)'
_entity_poly.pdbx_seq_one_letter_code
;SNAQSEQSTHIEGVAEKPVEFVKLGTGVWMHTGYKVVPPWGNIRTNGLIIERGDYSVLVDTAWNDAQTAEIVAWAKDTLQ
KPIRASIHTHAHSDKMGGMDALHMLGVETFATDLTNRLAIERGLMPAKNVLNISEIGSQIEWEGLTILYPGGGHSEDNIV
VNEGVNNILFGGCMIRPGMTTSLGNIDDANLGYWSKAVENAANAFPDSQIVIPSHGKPAGREILKNTAYITRPKL
;
_entity_poly.pdbx_strand_id   A
#
loop_
_chem_comp.id
_chem_comp.type
_chem_comp.name
_chem_comp.formula
EDO non-polymer 1,2-ETHANEDIOL 'C2 H6 O2'
FMT non-polymer 'FORMIC ACID' 'C H2 O2'
NO3 non-polymer 'NITRATE ION' 'N O3 -1'
PO4 non-polymer 'PHOSPHATE ION' 'O4 P -3'
ZN non-polymer 'ZINC ION' 'Zn 2'
#
# COMPACT_ATOMS: atom_id res chain seq x y z
N LYS A 17 8.98 18.90 5.54
CA LYS A 17 8.97 17.54 5.02
C LYS A 17 7.60 17.22 4.39
N PRO A 18 7.25 17.97 3.32
CA PRO A 18 5.93 17.88 2.69
C PRO A 18 5.87 16.64 1.80
N VAL A 19 4.71 16.42 1.14
CA VAL A 19 4.52 15.18 0.37
C VAL A 19 5.34 15.20 -0.92
N GLU A 20 6.05 14.09 -1.17
CA GLU A 20 6.93 13.92 -2.32
C GLU A 20 6.31 12.98 -3.33
N PHE A 21 6.59 13.22 -4.61
CA PHE A 21 6.09 12.42 -5.72
C PHE A 21 7.28 12.04 -6.57
N VAL A 22 7.40 10.76 -6.91
N VAL A 22 7.35 10.75 -6.95
CA VAL A 22 8.47 10.33 -7.81
CA VAL A 22 8.46 10.18 -7.71
C VAL A 22 7.91 9.33 -8.80
C VAL A 22 7.88 9.28 -8.81
N LYS A 23 8.37 9.43 -10.04
CA LYS A 23 7.97 8.53 -11.10
C LYS A 23 8.64 7.16 -10.94
N LEU A 24 7.83 6.10 -10.98
CA LEU A 24 8.34 4.72 -10.94
C LEU A 24 8.28 4.04 -12.29
N GLY A 25 7.39 4.48 -13.18
CA GLY A 25 7.21 3.85 -14.48
C GLY A 25 6.20 4.66 -15.25
N THR A 26 5.88 4.19 -16.45
CA THR A 26 4.92 4.92 -17.28
C THR A 26 3.56 4.93 -16.58
N GLY A 27 3.08 6.13 -16.26
CA GLY A 27 1.82 6.24 -15.58
C GLY A 27 1.78 5.77 -14.14
N VAL A 28 2.93 5.52 -13.48
CA VAL A 28 2.93 5.03 -12.10
C VAL A 28 3.83 5.92 -11.26
N TRP A 29 3.29 6.43 -10.17
CA TRP A 29 3.94 7.39 -9.30
C TRP A 29 3.90 6.88 -7.88
N MET A 30 4.95 7.18 -7.12
CA MET A 30 4.95 6.95 -5.69
C MET A 30 4.65 8.25 -4.99
N HIS A 31 3.76 8.22 -4.00
CA HIS A 31 3.58 9.33 -3.08
C HIS A 31 4.22 8.98 -1.74
N THR A 32 4.83 9.96 -1.09
CA THR A 32 5.49 9.72 0.19
C THR A 32 5.16 10.83 1.14
N GLY A 33 4.66 10.48 2.31
CA GLY A 33 4.48 11.46 3.39
C GLY A 33 5.27 11.07 4.61
N TYR A 34 5.53 12.02 5.51
CA TYR A 34 6.35 11.80 6.68
C TYR A 34 5.60 12.13 7.96
N LYS A 35 5.93 11.39 9.02
CA LYS A 35 5.37 11.65 10.34
C LYS A 35 6.46 11.42 11.37
N VAL A 36 6.61 12.33 12.33
CA VAL A 36 7.51 12.05 13.43
C VAL A 36 6.90 10.99 14.32
N VAL A 37 7.65 9.94 14.60
CA VAL A 37 7.21 8.87 15.49
C VAL A 37 8.23 8.86 16.64
N PRO A 38 7.93 9.53 17.73
CA PRO A 38 8.89 9.63 18.84
C PRO A 38 9.27 8.25 19.36
N PRO A 39 10.55 8.06 19.74
CA PRO A 39 11.57 9.10 19.76
C PRO A 39 12.47 9.04 18.53
N TRP A 40 11.97 8.49 17.42
CA TRP A 40 12.80 8.19 16.25
C TRP A 40 12.72 9.18 15.07
N GLY A 41 12.17 10.33 15.22
CA GLY A 41 12.20 11.20 14.01
C GLY A 41 11.19 10.83 12.90
N ASN A 42 11.43 11.37 11.71
CA ASN A 42 10.47 11.29 10.62
C ASN A 42 10.49 9.91 9.99
N ILE A 43 9.32 9.30 9.87
CA ILE A 43 9.17 8.01 9.22
C ILE A 43 8.36 8.21 7.95
N ARG A 44 8.88 7.73 6.82
CA ARG A 44 8.17 7.86 5.56
C ARG A 44 7.10 6.79 5.47
N THR A 45 6.03 7.10 4.72
CA THR A 45 5.15 6.04 4.25
C THR A 45 4.88 6.30 2.77
N ASN A 46 4.86 5.24 1.98
CA ASN A 46 4.69 5.31 0.53
C ASN A 46 3.39 4.66 0.10
N GLY A 47 2.79 5.24 -0.94
CA GLY A 47 1.71 4.64 -1.70
C GLY A 47 1.90 4.94 -3.18
N LEU A 48 0.88 4.66 -4.01
CA LEU A 48 1.00 4.86 -5.45
C LEU A 48 -0.14 5.69 -5.99
N ILE A 49 0.13 6.36 -7.11
CA ILE A 49 -0.90 6.90 -8.00
C ILE A 49 -0.68 6.21 -9.33
N ILE A 50 -1.76 5.66 -9.90
CA ILE A 50 -1.67 4.89 -11.16
C ILE A 50 -2.61 5.53 -12.16
N GLU A 51 -2.06 5.98 -13.27
CA GLU A 51 -2.88 6.64 -14.29
C GLU A 51 -3.72 5.65 -15.10
N ARG A 52 -4.96 6.05 -15.40
N ARG A 52 -4.92 6.10 -15.46
CA ARG A 52 -5.76 5.49 -16.47
CA ARG A 52 -5.96 5.29 -16.09
C ARG A 52 -5.89 6.55 -17.58
C ARG A 52 -6.63 6.00 -17.25
N GLY A 53 -6.88 6.41 -18.45
N GLY A 53 -5.88 6.65 -18.12
CA GLY A 53 -6.93 7.25 -19.63
CA GLY A 53 -6.57 7.27 -19.23
C GLY A 53 -7.16 8.72 -19.32
C GLY A 53 -6.93 8.72 -18.99
N ASP A 54 -8.12 9.02 -18.44
CA ASP A 54 -8.41 10.40 -18.08
C ASP A 54 -8.67 10.56 -16.57
N TYR A 55 -8.30 9.56 -15.79
CA TYR A 55 -8.40 9.63 -14.34
C TYR A 55 -7.28 8.79 -13.80
N SER A 56 -7.13 8.78 -12.49
N SER A 56 -7.15 8.78 -12.48
CA SER A 56 -6.13 7.93 -11.86
CA SER A 56 -6.14 7.96 -11.82
C SER A 56 -6.75 7.20 -10.67
C SER A 56 -6.79 7.16 -10.69
N VAL A 57 -6.03 6.18 -10.19
CA VAL A 57 -6.42 5.45 -8.99
C VAL A 57 -5.28 5.52 -7.98
N LEU A 58 -5.66 5.38 -6.72
CA LEU A 58 -4.72 5.57 -5.61
C LEU A 58 -4.53 4.29 -4.81
N VAL A 59 -3.29 4.01 -4.40
CA VAL A 59 -3.01 2.93 -3.47
C VAL A 59 -2.54 3.59 -2.19
N ASP A 60 -3.39 3.53 -1.14
CA ASP A 60 -3.14 4.02 0.22
C ASP A 60 -3.25 5.55 0.35
N THR A 61 -3.72 5.98 1.54
CA THR A 61 -3.56 7.38 1.92
C THR A 61 -2.12 7.60 2.34
N ALA A 62 -1.81 8.84 2.71
CA ALA A 62 -0.63 9.14 3.50
C ALA A 62 -1.02 9.17 4.98
N TRP A 63 -0.20 9.80 5.83
CA TRP A 63 -0.41 9.64 7.26
C TRP A 63 -1.66 10.34 7.77
N ASN A 64 -2.13 11.37 7.09
CA ASN A 64 -3.21 12.19 7.63
C ASN A 64 -3.97 12.84 6.47
N ASP A 65 -4.98 13.63 6.83
CA ASP A 65 -5.83 14.22 5.80
C ASP A 65 -5.09 15.28 4.99
N ALA A 66 -4.28 16.13 5.64
CA ALA A 66 -3.61 17.20 4.89
C ALA A 66 -2.66 16.62 3.85
N GLN A 67 -1.87 15.60 4.23
CA GLN A 67 -0.98 15.00 3.26
C GLN A 67 -1.79 14.35 2.15
N THR A 68 -2.88 13.68 2.52
CA THR A 68 -3.66 12.97 1.52
C THR A 68 -4.34 13.95 0.55
N ALA A 69 -4.82 15.09 1.07
CA ALA A 69 -5.38 16.10 0.18
C ALA A 69 -4.35 16.63 -0.82
N GLU A 70 -3.09 16.72 -0.40
N GLU A 70 -3.07 16.75 -0.40
CA GLU A 70 -2.03 17.17 -1.30
CA GLU A 70 -2.03 17.17 -1.36
C GLU A 70 -1.85 16.16 -2.46
C GLU A 70 -1.89 16.16 -2.48
N ILE A 71 -1.98 14.87 -2.17
CA ILE A 71 -1.87 13.86 -3.22
C ILE A 71 -3.01 14.01 -4.22
N VAL A 72 -4.26 14.14 -3.71
CA VAL A 72 -5.40 14.32 -4.60
C VAL A 72 -5.18 15.55 -5.49
N ALA A 73 -4.75 16.66 -4.89
CA ALA A 73 -4.56 17.88 -5.66
C ALA A 73 -3.48 17.69 -6.74
N TRP A 74 -2.42 16.97 -6.42
CA TRP A 74 -1.32 16.82 -7.37
C TRP A 74 -1.75 15.99 -8.56
N ALA A 75 -2.52 14.93 -8.33
CA ALA A 75 -3.02 14.15 -9.47
C ALA A 75 -3.87 15.03 -10.37
N LYS A 76 -4.73 15.87 -9.79
CA LYS A 76 -5.60 16.71 -10.58
C LYS A 76 -4.82 17.79 -11.32
N ASP A 77 -3.89 18.42 -10.63
CA ASP A 77 -3.27 19.64 -11.15
C ASP A 77 -2.03 19.35 -11.99
N THR A 78 -1.30 18.30 -11.68
CA THR A 78 -0.08 17.96 -12.40
C THR A 78 -0.31 16.89 -13.45
N LEU A 79 -0.97 15.78 -13.08
CA LEU A 79 -1.25 14.75 -14.06
C LEU A 79 -2.45 15.08 -14.92
N GLN A 80 -3.32 15.99 -14.45
CA GLN A 80 -4.62 16.22 -15.08
C GLN A 80 -5.42 14.94 -15.20
N LYS A 81 -5.26 14.06 -14.20
CA LYS A 81 -5.97 12.79 -14.16
C LYS A 81 -6.45 12.61 -12.73
N PRO A 82 -7.62 13.15 -12.41
CA PRO A 82 -8.08 13.18 -11.02
C PRO A 82 -8.24 11.78 -10.47
N ILE A 83 -7.98 11.65 -9.17
CA ILE A 83 -8.17 10.36 -8.50
C ILE A 83 -9.65 10.04 -8.36
N ARG A 84 -10.05 8.94 -8.97
CA ARG A 84 -11.43 8.49 -8.93
C ARG A 84 -11.69 7.46 -7.83
N ALA A 85 -10.71 6.63 -7.50
CA ALA A 85 -10.96 5.53 -6.57
C ALA A 85 -9.63 5.17 -5.93
N SER A 86 -9.73 4.46 -4.80
CA SER A 86 -8.51 4.07 -4.07
C SER A 86 -8.69 2.70 -3.45
N ILE A 87 -7.57 2.05 -3.17
N ILE A 87 -7.57 2.05 -3.16
CA ILE A 87 -7.51 0.79 -2.43
CA ILE A 87 -7.53 0.81 -2.39
C ILE A 87 -6.56 0.97 -1.26
C ILE A 87 -6.57 1.00 -1.24
N HIS A 88 -6.86 0.32 -0.12
CA HIS A 88 -6.11 0.49 1.12
C HIS A 88 -5.57 -0.85 1.57
N THR A 89 -4.28 -0.91 1.85
CA THR A 89 -3.60 -2.20 1.94
C THR A 89 -3.53 -2.81 3.34
N HIS A 90 -3.97 -2.08 4.37
CA HIS A 90 -4.34 -2.66 5.67
C HIS A 90 -4.78 -1.50 6.58
N ALA A 91 -5.30 -1.87 7.75
CA ALA A 91 -5.93 -0.92 8.69
C ALA A 91 -4.91 -0.36 9.69
N HIS A 92 -3.98 0.46 9.18
CA HIS A 92 -3.11 1.27 10.03
C HIS A 92 -3.11 2.69 9.51
N SER A 93 -2.72 3.63 10.38
N SER A 93 -2.66 3.61 10.38
CA SER A 93 -2.88 5.04 10.05
CA SER A 93 -2.77 5.05 10.12
C SER A 93 -1.94 5.53 8.92
C SER A 93 -1.97 5.48 8.90
N ASP A 94 -0.85 4.82 8.62
CA ASP A 94 -0.07 5.18 7.44
C ASP A 94 -0.76 4.88 6.12
N LYS A 95 -1.77 3.99 6.14
CA LYS A 95 -2.46 3.55 4.94
C LYS A 95 -3.88 4.06 4.86
N MET A 96 -4.48 4.40 6.01
CA MET A 96 -5.86 4.84 6.11
C MET A 96 -6.00 6.10 6.96
N GLY A 97 -4.90 6.77 7.33
CA GLY A 97 -5.01 7.98 8.13
C GLY A 97 -5.67 9.16 7.42
N GLY A 98 -5.78 9.10 6.09
CA GLY A 98 -6.35 10.19 5.30
C GLY A 98 -7.70 9.88 4.70
N MET A 99 -8.41 8.89 5.25
CA MET A 99 -9.67 8.48 4.64
C MET A 99 -10.67 9.62 4.56
N ASP A 100 -10.78 10.43 5.62
CA ASP A 100 -11.78 11.52 5.60
C ASP A 100 -11.50 12.47 4.44
N ALA A 101 -10.22 12.76 4.18
CA ALA A 101 -9.88 13.62 3.04
C ALA A 101 -10.31 12.99 1.73
N LEU A 102 -10.04 11.68 1.53
CA LEU A 102 -10.47 11.03 0.31
C LEU A 102 -11.98 11.13 0.15
N HIS A 103 -12.73 10.86 1.22
CA HIS A 103 -14.18 10.87 1.12
C HIS A 103 -14.68 12.26 0.79
N MET A 104 -14.14 13.28 1.44
CA MET A 104 -14.58 14.64 1.15
C MET A 104 -14.20 15.10 -0.25
N LEU A 105 -13.13 14.54 -0.82
CA LEU A 105 -12.65 14.93 -2.14
C LEU A 105 -13.22 14.06 -3.24
N GLY A 106 -14.23 13.25 -2.94
CA GLY A 106 -14.94 12.51 -3.97
C GLY A 106 -14.25 11.25 -4.46
N VAL A 107 -13.30 10.70 -3.70
CA VAL A 107 -12.62 9.48 -4.09
C VAL A 107 -13.42 8.30 -3.56
N GLU A 108 -13.66 7.32 -4.43
CA GLU A 108 -14.43 6.13 -4.04
C GLU A 108 -13.47 5.09 -3.46
N THR A 109 -13.56 4.80 -2.17
CA THR A 109 -12.54 4.01 -1.47
C THR A 109 -12.93 2.54 -1.36
N PHE A 110 -11.94 1.65 -1.41
CA PHE A 110 -12.10 0.20 -1.37
C PHE A 110 -11.14 -0.41 -0.37
N ALA A 111 -11.60 -1.40 0.38
CA ALA A 111 -10.75 -2.18 1.28
C ALA A 111 -11.43 -3.52 1.47
N THR A 112 -10.68 -4.50 1.99
CA THR A 112 -11.34 -5.76 2.30
C THR A 112 -12.27 -5.64 3.48
N ASP A 113 -13.18 -6.62 3.58
CA ASP A 113 -14.07 -6.63 4.73
C ASP A 113 -13.30 -6.68 6.04
N LEU A 114 -12.26 -7.53 6.11
CA LEU A 114 -11.46 -7.57 7.34
C LEU A 114 -10.79 -6.24 7.62
N THR A 115 -10.19 -5.61 6.60
CA THR A 115 -9.57 -4.30 6.81
C THR A 115 -10.57 -3.29 7.37
N ASN A 116 -11.80 -3.26 6.82
CA ASN A 116 -12.77 -2.29 7.31
C ASN A 116 -13.12 -2.56 8.78
N ARG A 117 -13.31 -3.84 9.15
CA ARG A 117 -13.63 -4.17 10.52
C ARG A 117 -12.50 -3.78 11.46
N LEU A 118 -11.26 -4.04 11.04
CA LEU A 118 -10.13 -3.66 11.88
C LEU A 118 -10.00 -2.14 11.95
N ALA A 119 -10.27 -1.44 10.83
CA ALA A 119 -10.19 0.02 10.84
C ALA A 119 -11.14 0.59 11.89
N ILE A 120 -12.39 0.14 11.89
CA ILE A 120 -13.36 0.62 12.86
C ILE A 120 -12.87 0.34 14.28
N GLU A 121 -12.36 -0.86 14.52
CA GLU A 121 -11.84 -1.20 15.84
C GLU A 121 -10.69 -0.30 16.26
N ARG A 122 -9.87 0.13 15.31
CA ARG A 122 -8.64 0.85 15.60
C ARG A 122 -8.85 2.35 15.54
N GLY A 123 -10.08 2.81 15.36
CA GLY A 123 -10.36 4.23 15.29
C GLY A 123 -10.10 4.88 13.95
N LEU A 124 -9.98 4.09 12.89
CA LEU A 124 -9.78 4.62 11.54
C LEU A 124 -11.12 4.58 10.82
N MET A 125 -11.24 5.41 9.79
N MET A 125 -11.22 5.38 9.77
CA MET A 125 -12.47 5.40 9.00
CA MET A 125 -12.49 5.39 9.02
C MET A 125 -12.44 4.22 8.03
C MET A 125 -12.48 4.28 7.97
N PRO A 126 -13.54 3.49 7.88
CA PRO A 126 -13.56 2.38 6.90
C PRO A 126 -13.71 2.90 5.47
N ALA A 127 -13.30 2.07 4.50
CA ALA A 127 -13.56 2.38 3.11
C ALA A 127 -15.04 2.18 2.78
N LYS A 128 -15.48 2.82 1.70
CA LYS A 128 -16.91 2.82 1.31
C LYS A 128 -17.32 1.53 0.63
N ASN A 129 -16.36 0.78 0.08
CA ASN A 129 -16.69 -0.42 -0.72
C ASN A 129 -15.84 -1.59 -0.23
N VAL A 130 -16.46 -2.75 -0.11
CA VAL A 130 -15.82 -3.92 0.48
C VAL A 130 -15.40 -4.87 -0.63
N LEU A 131 -14.14 -5.28 -0.62
CA LEU A 131 -13.65 -6.40 -1.42
C LEU A 131 -13.66 -7.70 -0.61
N ASN A 132 -14.12 -8.80 -1.23
CA ASN A 132 -14.17 -10.10 -0.54
C ASN A 132 -13.09 -10.99 -1.13
N ILE A 133 -11.93 -10.97 -0.47
CA ILE A 133 -10.78 -11.80 -0.78
C ILE A 133 -10.23 -12.45 0.50
N SER A 134 -11.08 -13.06 1.29
CA SER A 134 -10.66 -13.47 2.62
C SER A 134 -9.77 -14.70 2.65
N GLU A 135 -9.82 -15.56 1.63
N GLU A 135 -9.81 -15.55 1.63
CA GLU A 135 -9.01 -16.77 1.63
CA GLU A 135 -9.01 -16.77 1.65
C GLU A 135 -7.59 -16.47 1.18
C GLU A 135 -7.60 -16.48 1.17
N ILE A 136 -6.62 -17.11 1.83
CA ILE A 136 -5.23 -16.95 1.43
C ILE A 136 -5.08 -17.35 -0.03
N GLY A 137 -4.45 -16.46 -0.79
CA GLY A 137 -4.26 -16.71 -2.20
C GLY A 137 -5.31 -16.12 -3.10
N SER A 138 -6.39 -15.54 -2.53
CA SER A 138 -7.43 -14.93 -3.37
C SER A 138 -6.86 -13.74 -4.12
N GLN A 139 -7.20 -13.65 -5.40
CA GLN A 139 -6.79 -12.54 -6.25
C GLN A 139 -8.02 -12.01 -6.96
N ILE A 140 -8.04 -10.69 -7.16
CA ILE A 140 -9.06 -10.07 -7.98
C ILE A 140 -8.41 -9.01 -8.85
N GLU A 141 -9.07 -8.68 -9.94
N GLU A 141 -9.06 -8.69 -9.95
CA GLU A 141 -8.66 -7.56 -10.78
CA GLU A 141 -8.65 -7.56 -10.77
C GLU A 141 -9.45 -6.32 -10.37
C GLU A 141 -9.45 -6.34 -10.33
N TRP A 142 -8.75 -5.22 -10.15
CA TRP A 142 -9.38 -3.99 -9.73
C TRP A 142 -8.72 -2.85 -10.49
N GLU A 143 -9.49 -2.16 -11.34
CA GLU A 143 -8.95 -1.00 -12.06
C GLU A 143 -7.64 -1.35 -12.77
N GLY A 144 -7.60 -2.54 -13.38
CA GLY A 144 -6.44 -2.95 -14.16
C GLY A 144 -5.27 -3.47 -13.34
N LEU A 145 -5.38 -3.48 -12.01
CA LEU A 145 -4.36 -3.99 -11.10
C LEU A 145 -4.79 -5.36 -10.62
N THR A 146 -3.82 -6.16 -10.17
CA THR A 146 -4.17 -7.40 -9.47
C THR A 146 -3.97 -7.18 -7.98
N ILE A 147 -5.01 -7.46 -7.22
N ILE A 147 -5.00 -7.51 -7.21
CA ILE A 147 -4.95 -7.41 -5.76
CA ILE A 147 -4.98 -7.40 -5.76
C ILE A 147 -4.86 -8.83 -5.27
C ILE A 147 -4.92 -8.82 -5.21
N LEU A 148 -3.94 -9.09 -4.35
CA LEU A 148 -3.75 -10.42 -3.78
C LEU A 148 -3.80 -10.34 -2.27
N TYR A 149 -4.55 -11.26 -1.65
CA TYR A 149 -4.41 -11.47 -0.21
C TYR A 149 -3.45 -12.64 0.00
N PRO A 150 -2.21 -12.41 0.41
CA PRO A 150 -1.22 -13.48 0.52
C PRO A 150 -1.21 -14.16 1.89
N GLY A 151 -2.13 -13.80 2.78
CA GLY A 151 -2.10 -14.25 4.16
C GLY A 151 -1.52 -13.21 5.09
N GLY A 152 -1.70 -13.44 6.39
CA GLY A 152 -1.27 -12.47 7.37
C GLY A 152 0.25 -12.34 7.44
N GLY A 153 0.71 -11.12 7.70
CA GLY A 153 2.14 -10.88 7.76
C GLY A 153 2.44 -9.72 8.68
N HIS A 154 2.72 -8.53 8.12
CA HIS A 154 2.84 -7.35 8.94
C HIS A 154 1.55 -7.11 9.71
N SER A 155 0.39 -7.36 9.08
N SER A 155 0.40 -7.38 9.09
CA SER A 155 -0.91 -7.26 9.72
CA SER A 155 -0.87 -7.37 9.79
C SER A 155 -1.77 -8.39 9.15
C SER A 155 -1.68 -8.53 9.24
N GLU A 156 -2.74 -8.88 9.92
CA GLU A 156 -3.49 -10.04 9.45
C GLU A 156 -4.19 -9.77 8.12
N ASP A 157 -4.55 -8.51 7.87
CA ASP A 157 -5.37 -8.10 6.73
C ASP A 157 -4.51 -7.57 5.57
N ASN A 158 -3.17 -7.64 5.65
CA ASN A 158 -2.38 -7.01 4.61
C ASN A 158 -2.65 -7.61 3.23
N ILE A 159 -2.77 -6.71 2.23
CA ILE A 159 -2.88 -7.09 0.84
C ILE A 159 -1.75 -6.48 0.05
N VAL A 160 -1.47 -7.07 -1.13
CA VAL A 160 -0.49 -6.49 -2.05
C VAL A 160 -1.18 -6.20 -3.38
N VAL A 161 -0.56 -5.32 -4.17
CA VAL A 161 -1.18 -4.83 -5.39
C VAL A 161 -0.12 -4.84 -6.47
N ASN A 162 -0.41 -5.45 -7.61
CA ASN A 162 0.56 -5.56 -8.71
C ASN A 162 0.07 -4.77 -9.92
N GLU A 163 0.96 -3.99 -10.52
CA GLU A 163 0.71 -3.19 -11.73
C GLU A 163 1.48 -3.92 -12.84
N GLY A 164 0.75 -4.65 -13.69
CA GLY A 164 1.34 -5.57 -14.64
C GLY A 164 1.82 -4.97 -15.93
N VAL A 165 1.60 -3.68 -16.21
CA VAL A 165 2.15 -3.07 -17.41
C VAL A 165 3.64 -2.77 -17.20
N ASN A 166 3.96 -2.07 -16.11
CA ASN A 166 5.35 -1.81 -15.76
C ASN A 166 5.93 -2.90 -14.88
N ASN A 167 5.11 -3.84 -14.41
CA ASN A 167 5.59 -4.91 -13.54
C ASN A 167 6.16 -4.35 -12.24
N ILE A 168 5.31 -3.59 -11.54
CA ILE A 168 5.64 -2.98 -10.26
C ILE A 168 4.77 -3.64 -9.20
N LEU A 169 5.39 -4.22 -8.19
CA LEU A 169 4.66 -4.87 -7.09
C LEU A 169 4.69 -3.92 -5.91
N PHE A 170 3.49 -3.51 -5.46
CA PHE A 170 3.39 -2.72 -4.25
C PHE A 170 3.23 -3.71 -3.09
N GLY A 171 4.31 -3.88 -2.31
CA GLY A 171 4.27 -4.77 -1.16
C GLY A 171 3.72 -4.12 0.09
N GLY A 172 3.71 -2.79 0.13
CA GLY A 172 3.26 -2.07 1.31
C GLY A 172 4.07 -2.48 2.52
N CYS A 173 3.40 -2.56 3.68
CA CYS A 173 4.15 -2.76 4.92
C CYS A 173 4.54 -4.21 5.12
N MET A 174 3.98 -5.12 4.34
CA MET A 174 4.38 -6.51 4.41
C MET A 174 5.83 -6.70 3.94
N ILE A 175 6.37 -5.77 3.17
CA ILE A 175 7.75 -5.86 2.70
C ILE A 175 8.56 -4.83 3.48
N ARG A 176 9.64 -5.28 4.16
CA ARG A 176 10.47 -4.37 4.94
C ARG A 176 11.50 -3.68 4.04
N PRO A 177 11.95 -2.50 4.45
N PRO A 177 12.02 -2.52 4.45
CA PRO A 177 12.97 -1.77 3.70
CA PRO A 177 12.98 -1.81 3.59
C PRO A 177 14.20 -2.63 3.47
C PRO A 177 14.36 -2.46 3.52
N GLY A 178 14.86 -2.39 2.35
N GLY A 178 14.97 -2.36 2.35
CA GLY A 178 16.03 -3.17 2.01
CA GLY A 178 16.38 -2.66 2.12
C GLY A 178 17.09 -3.07 3.09
C GLY A 178 16.93 -3.88 2.81
N MET A 179 17.78 -4.19 3.34
N MET A 179 18.05 -3.71 3.53
CA MET A 179 18.92 -4.30 4.24
CA MET A 179 18.67 -4.81 4.27
C MET A 179 18.62 -4.34 5.75
C MET A 179 18.42 -4.71 5.77
N THR A 180 17.42 -3.93 6.19
CA THR A 180 17.15 -3.89 7.61
C THR A 180 16.84 -5.27 8.15
N THR A 181 17.08 -5.43 9.45
CA THR A 181 16.59 -6.58 10.18
C THR A 181 15.48 -6.20 11.12
N SER A 182 15.18 -4.91 11.25
CA SER A 182 14.10 -4.49 12.13
C SER A 182 12.75 -4.86 11.51
N LEU A 183 11.78 -5.13 12.37
CA LEU A 183 10.48 -5.59 11.90
C LEU A 183 9.43 -4.49 11.84
N GLY A 184 9.73 -3.27 12.29
CA GLY A 184 8.74 -2.23 12.29
C GLY A 184 7.71 -2.40 13.40
N ASN A 185 6.50 -1.90 13.14
CA ASN A 185 5.43 -2.00 14.11
C ASN A 185 4.82 -3.39 13.98
N ILE A 186 5.09 -4.25 14.98
CA ILE A 186 4.62 -5.63 14.92
C ILE A 186 3.41 -5.86 15.81
N ASP A 187 2.75 -4.79 16.26
CA ASP A 187 1.64 -4.95 17.20
C ASP A 187 0.59 -5.92 16.68
N ASP A 188 0.36 -5.90 15.36
CA ASP A 188 -0.71 -6.66 14.72
C ASP A 188 -0.16 -7.74 13.80
N ALA A 189 1.12 -8.08 13.93
CA ALA A 189 1.73 -9.01 12.99
C ALA A 189 1.31 -10.46 13.24
N ASN A 190 1.33 -11.23 12.16
CA ASN A 190 1.26 -12.70 12.17
C ASN A 190 2.69 -13.20 11.97
N LEU A 191 3.42 -13.35 13.09
CA LEU A 191 4.82 -13.69 13.00
C LEU A 191 5.02 -15.10 12.45
N GLY A 192 4.04 -16.00 12.64
CA GLY A 192 4.18 -17.35 12.14
C GLY A 192 4.06 -17.46 10.63
N TYR A 193 3.21 -16.64 10.01
CA TYR A 193 2.91 -16.80 8.59
C TYR A 193 3.60 -15.77 7.70
N TRP A 194 4.22 -14.74 8.28
CA TRP A 194 4.69 -13.60 7.48
C TRP A 194 5.63 -14.02 6.36
N SER A 195 6.58 -14.91 6.65
N SER A 195 6.59 -14.91 6.64
CA SER A 195 7.54 -15.31 5.64
CA SER A 195 7.53 -15.27 5.58
C SER A 195 6.85 -16.04 4.49
C SER A 195 6.83 -16.03 4.45
N LYS A 196 5.85 -16.86 4.81
CA LYS A 196 5.09 -17.55 3.78
C LYS A 196 4.24 -16.58 2.97
N ALA A 197 3.67 -15.55 3.62
CA ALA A 197 2.93 -14.54 2.88
C ALA A 197 3.82 -13.84 1.87
N VAL A 198 5.08 -13.55 2.25
CA VAL A 198 6.00 -12.92 1.31
C VAL A 198 6.26 -13.85 0.13
N GLU A 199 6.55 -15.11 0.42
CA GLU A 199 6.74 -16.09 -0.66
C GLU A 199 5.50 -16.19 -1.54
N ASN A 200 4.31 -16.16 -0.94
CA ASN A 200 3.10 -16.23 -1.76
C ASN A 200 3.03 -15.05 -2.72
N ALA A 201 3.35 -13.83 -2.23
CA ALA A 201 3.31 -12.67 -3.11
C ALA A 201 4.37 -12.78 -4.20
N ALA A 202 5.57 -13.22 -3.83
CA ALA A 202 6.65 -13.36 -4.80
C ALA A 202 6.28 -14.35 -5.90
N ASN A 203 5.72 -15.50 -5.50
CA ASN A 203 5.33 -16.50 -6.49
C ASN A 203 4.17 -16.03 -7.35
N ALA A 204 3.26 -15.21 -6.80
CA ALA A 204 2.13 -14.75 -7.60
C ALA A 204 2.55 -13.78 -8.70
N PHE A 205 3.61 -12.99 -8.49
CA PHE A 205 3.98 -11.90 -9.40
C PHE A 205 5.46 -12.00 -9.77
N PRO A 206 5.85 -13.06 -10.48
CA PRO A 206 7.27 -13.29 -10.76
C PRO A 206 7.89 -12.24 -11.66
N ASP A 207 7.10 -11.54 -12.47
CA ASP A 207 7.68 -10.65 -13.47
C ASP A 207 7.99 -9.27 -12.90
N SER A 208 7.57 -9.00 -11.67
CA SER A 208 7.73 -7.66 -11.12
C SER A 208 9.12 -7.49 -10.54
N GLN A 209 9.95 -6.69 -11.20
CA GLN A 209 11.32 -6.42 -10.77
C GLN A 209 11.44 -5.15 -9.97
N ILE A 210 10.36 -4.37 -9.87
CA ILE A 210 10.31 -3.21 -9.02
C ILE A 210 9.37 -3.55 -7.87
N VAL A 211 9.86 -3.43 -6.64
CA VAL A 211 9.08 -3.75 -5.43
C VAL A 211 9.08 -2.53 -4.52
N ILE A 212 7.88 -2.14 -4.06
CA ILE A 212 7.72 -0.92 -3.27
C ILE A 212 7.33 -1.30 -1.85
N PRO A 213 8.18 -1.04 -0.85
CA PRO A 213 7.80 -1.17 0.57
C PRO A 213 7.18 0.15 1.02
N SER A 214 6.38 0.11 2.08
CA SER A 214 5.83 1.35 2.61
C SER A 214 6.89 2.25 3.22
N HIS A 215 7.88 1.68 3.94
CA HIS A 215 8.71 2.48 4.83
C HIS A 215 10.17 2.56 4.40
N GLY A 216 10.45 2.33 3.13
CA GLY A 216 11.80 2.51 2.63
C GLY A 216 11.79 2.82 1.15
N LYS A 217 12.95 2.74 0.52
CA LYS A 217 13.05 3.12 -0.87
C LYS A 217 12.54 2.01 -1.81
N PRO A 218 12.05 2.40 -2.99
CA PRO A 218 11.81 1.40 -4.04
C PRO A 218 13.07 0.55 -4.25
N ALA A 219 12.86 -0.74 -4.49
CA ALA A 219 13.98 -1.65 -4.69
C ALA A 219 13.58 -2.73 -5.69
N GLY A 220 14.37 -3.80 -5.74
CA GLY A 220 14.04 -4.94 -6.54
C GLY A 220 13.62 -6.12 -5.68
N ARG A 221 13.67 -7.31 -6.30
CA ARG A 221 13.15 -8.49 -5.62
C ARG A 221 14.01 -8.93 -4.44
N GLU A 222 15.21 -8.36 -4.32
CA GLU A 222 16.03 -8.66 -3.15
C GLU A 222 15.37 -8.26 -1.85
N ILE A 223 14.46 -7.27 -1.87
CA ILE A 223 13.77 -6.92 -0.63
C ILE A 223 12.64 -7.90 -0.31
N LEU A 224 12.09 -8.63 -1.30
CA LEU A 224 11.23 -9.77 -1.00
C LEU A 224 12.04 -10.84 -0.30
N LYS A 225 13.21 -11.17 -0.85
CA LYS A 225 14.06 -12.21 -0.27
C LYS A 225 14.53 -11.81 1.13
N ASN A 226 14.97 -10.56 1.31
CA ASN A 226 15.43 -10.15 2.63
C ASN A 226 14.30 -10.19 3.64
N THR A 227 13.12 -9.69 3.27
CA THR A 227 12.02 -9.69 4.23
C THR A 227 11.69 -11.14 4.62
N ALA A 228 11.55 -12.03 3.63
CA ALA A 228 11.22 -13.42 3.95
C ALA A 228 12.25 -14.04 4.89
N TYR A 229 13.53 -13.70 4.70
CA TYR A 229 14.56 -14.20 5.61
C TYR A 229 14.40 -13.64 7.03
N ILE A 230 14.28 -12.31 7.15
CA ILE A 230 14.34 -11.73 8.48
C ILE A 230 13.08 -12.03 9.29
N THR A 231 11.95 -12.30 8.63
CA THR A 231 10.73 -12.67 9.37
C THR A 231 10.49 -14.18 9.46
N ARG A 232 11.39 -15.03 8.96
CA ARG A 232 11.13 -16.47 8.90
C ARG A 232 11.22 -17.08 10.31
N PRO A 233 10.33 -18.03 10.64
CA PRO A 233 10.49 -18.75 11.91
C PRO A 233 11.78 -19.62 11.98
ZN ZN B . 3.34 0.68 7.84
ZN ZN C . 0.87 -1.27 9.29
C1 EDO D . -7.30 -9.41 3.69
O1 EDO D . -7.64 -8.17 4.29
C2 EDO D . -8.42 -10.44 3.43
O2 EDO D . -9.21 -10.59 4.60
N NO3 E . 5.26 -0.83 9.80
O1 NO3 E . 4.71 -1.01 8.71
O2 NO3 E . 4.80 0.07 10.55
O3 NO3 E . 6.26 -1.50 10.12
N NO3 F . 7.46 7.14 -20.36
O1 NO3 F . 7.90 8.32 -20.53
O2 NO3 F . 7.41 6.35 -21.33
O3 NO3 F . 7.10 6.76 -19.22
N NO3 G . -6.22 14.01 10.30
O1 NO3 G . -7.00 13.85 11.29
O2 NO3 G . -6.12 13.09 9.43
O3 NO3 G . -5.56 15.07 10.16
C1 EDO H . 1.62 -14.18 15.47
O1 EDO H . 2.46 -13.13 15.89
C2 EDO H . 2.45 -15.44 15.45
O2 EDO H . 1.87 -16.13 14.35
N NO3 I . -12.03 -10.18 3.22
O1 NO3 I . -11.69 -9.81 4.36
O2 NO3 I . -11.20 -10.08 2.27
O3 NO3 I . -13.19 -10.64 3.04
N NO3 J . 10.20 1.47 9.55
O1 NO3 J . 9.19 0.78 9.85
O2 NO3 J . 10.48 2.54 10.18
O3 NO3 J . 10.93 1.10 8.61
N NO3 K . -0.78 12.59 11.87
O1 NO3 K . -1.34 13.73 11.91
O2 NO3 K . 0.16 12.41 11.05
O3 NO3 K . -1.12 11.66 12.66
N NO3 L . 12.30 6.67 6.12
O1 NO3 L . 12.30 7.83 5.60
O2 NO3 L . 13.06 5.75 5.71
O3 NO3 L . 11.51 6.44 7.08
C1 EDO M . 10.07 13.35 18.89
O1 EDO M . 9.34 14.57 18.83
C2 EDO M . 11.18 13.39 17.85
O2 EDO M . 11.56 12.02 17.67
C1 EDO N . -0.04 1.51 -16.36
O1 EDO N . -1.20 0.72 -16.01
C2 EDO N . -0.31 2.85 -15.71
O2 EDO N . -0.97 3.72 -16.64
C1 EDO O . -15.69 0.59 -16.30
O1 EDO O . -15.27 -0.73 -16.67
C2 EDO O . -15.62 0.80 -14.79
O2 EDO O . -15.65 2.22 -14.51
C1 EDO P . 9.95 6.04 -15.76
O1 EDO P . 10.62 5.26 -14.77
C2 EDO P . 9.49 5.17 -16.92
O2 EDO P . 9.78 5.84 -18.16
C1 EDO Q . 15.36 -7.97 -8.93
O1 EDO Q . 14.37 -6.99 -9.22
C2 EDO Q . 15.13 -9.16 -9.84
O2 EDO Q . 15.90 -8.90 -11.01
C FMT R . 12.58 7.10 -2.76
O1 FMT R . 11.98 8.14 -2.98
O2 FMT R . 13.56 7.05 -2.01
N NO3 S . 12.00 -1.21 15.08
O1 NO3 S . 11.54 -1.53 13.95
O2 NO3 S . 12.47 -0.06 15.31
O3 NO3 S . 11.97 -2.02 16.04
P PO4 T . -21.23 5.64 1.02
O1 PO4 T . -20.91 6.69 0.00
O2 PO4 T . -22.73 5.43 1.09
O3 PO4 T . -20.72 6.07 2.37
O4 PO4 T . -20.57 4.34 0.65
#